data_7X95
#
_entry.id   7X95
#
_cell.length_a   1.00
_cell.length_b   1.00
_cell.length_c   1.00
_cell.angle_alpha   90.00
_cell.angle_beta   90.00
_cell.angle_gamma   90.00
#
_symmetry.space_group_name_H-M   'P 1'
#
loop_
_entity.id
_entity.type
_entity.pdbx_description
1 polymer 'Spike glycoprotein'
2 polymer 'Ab709 heavy chain'
3 polymer 'Ab709 light chain'
4 branched 2-acetamido-2-deoxy-beta-D-glucopyranose-(1-4)-2-acetamido-2-deoxy-beta-D-glucopyranose
#
loop_
_entity_poly.entity_id
_entity_poly.type
_entity_poly.pdbx_seq_one_letter_code
_entity_poly.pdbx_strand_id
1 'polypeptide(L)'
;MFVFLVLLPLVSSQCVNLTTRTQLPPAYTNSFTRGVYYPDKVFRSSVLHSTQDLFLPFFSNVTWFHAIHVSGTNGTKRFD
NPVLPFNDGVYFASTEKSNIIRGWIFGTTLDSKTQSLLIVNNATNVVIKVCEFQFCNDPFLGVYYHKNNKSWMESEFRVY
SSANNCTFEYVSQPFLMDLEGKQGNFKNLREFVFKNIDGYFKIYSKHTPINLVRDLPQGFSALEPLVDLPIGINITRFQT
LLALHRSYLTPGDSSSGWTAGAAAYYVGYLQPRTFLLKYNENGTITDAVDCALDPLSETKCTLKSFTVEKGIYQTSNFRV
QPTESIVRFPNITNLCPFGEVFNATRFASVYAWNRKRISNCVADYSVLYNSASFSTFKCYGVSPTKLNDLCFTNVYADSF
VIRGDEVRQIAPGQTGKIADYNYKLPDDFTGCVIAWNSNNLDSKVGGNYNYLYRLFRKSNLKPFERDISTEIYQAGSTPC
NGVEGFNCYFPLQSYGFQPTNGVGYQPYRVVVLSFELLHAPATVCGPKKSTNLVKNKCVNFNFNGLTGTGVLTESNKKFL
PFQQFGRDIADTTDAVRDPQTLEILDITPCSFGGVSVITPGTNTSNQVAVLYQDVNCTEVPVAIHADQLTPTWRVYSTGS
NVFQTRAGCLIGAEHVNNSYECDIPIGAGICASYQTQTNSPGSASSVASQSIIAYTMSLGAENSVAYSNNSIAIPTNFTI
SVTTEILPVSMTKTSVDCTMYICGDSTECSNLLLQYGSFCTQLNRALTGIAVEQDKNTQEVFAQVKQIYKTPPIKDFGGF
NFSQILPDPSKPSKRSPIEDLLFNKVTLADAGFIKQYGDCLGDIAARDLICAQKFNGLTVLPPLLTDEMIAQYTSALLAG
TITSGWTFGAGPALQIPFPMQMAYRFNGIGVTQNVLYENQKLIANQFNSAIGKIQDSLSSTPSALGKLQDVVNQNAQALN
TLVKQLSSNFGAISSVLNDILSRLDPPEAEVQIDRLITGRLQSLQTYVTQQLIRAAEIRASANLAATKMSECVLGQSKRV
DFCGKGYHLMSFPQSAPHGVVFLHVTYVPAQEKNFTTAPAICHDGKAHFPREGVFVSNGTHWFVTQRNFYEPQIITTDNT
FVSGNCDVVIGIVNNTVYDPLQPELDSFKEELDKYFKNHTSPDVDLGDISGINASVVNIQKEIDRLNEVAKNLNESLIDL
QELGKYEQAAAGSGYIPEAPRDGQAYVRKDGEWVLLSTFLGSSGRENLYFQGGGGSGLNDIFEAQKIEWHEGHHHHHH
;
A
2 'polypeptide(L)'
;MDPKGSLSWRILLFLSLAFELSYGQVQLVESGGGVVQPGKSLRLSCAASGFTFSSYAMHWVRLAPGKGLEWVAVISPDGK
NKYYVDSVKGRSTISRDNSKNTLYLLMNSLRAEDTAVYYCATTQSLWFGQFYYIYGMDVWGQGTTVTVSSASTKGPSVFP
LAPSSKSTSGGTAALGCLVKDYFPEPVTVSWNSGALTSGVHTFPAVLQSSGLYSLSSVVTVPSSSLGTQTYICNVNHKPS
NTKVDKKVEPKSCENLYFQGHHHHHH
;
H
3 'polypeptide(L)'
;MDPKGSLSWRILLFLSLAFELSYGQSVLTQPPSASGTPGQRVTISCSGSSSNIGSNFVYWYQHFPGAAPKLLIYRNTLRP
SGVPDRFSGSKSGTSASLAISGLRSEDEADYYCAAWDDSLFWVFGGGTKLTVLGQPKAAPSVTLFPPSSEELQANKATLV
CLISDFYPGAVTVAWKADSSPVKAGVETTTPSKQSNNKYAASSYLSLTPEQWKSHRSYSCQVTHEGSTVEKTVAPTECS
;
L
#
loop_
_chem_comp.id
_chem_comp.type
_chem_comp.name
_chem_comp.formula
NAG D-saccharide, beta linking 2-acetamido-2-deoxy-beta-D-glucopyranose 'C8 H15 N O6'
#
# COMPACT_ATOMS: atom_id res chain seq x y z
N ILE A 332 29.20 -40.69 -7.40
CA ILE A 332 27.92 -40.14 -6.95
C ILE A 332 26.78 -41.05 -7.39
N THR A 333 25.79 -41.21 -6.52
CA THR A 333 24.64 -42.08 -6.77
C THR A 333 23.33 -41.32 -6.87
N ASN A 334 23.00 -40.54 -5.84
CA ASN A 334 21.73 -39.82 -5.78
C ASN A 334 21.98 -38.34 -5.55
N LEU A 335 21.18 -37.51 -6.22
CA LEU A 335 21.27 -36.07 -6.12
C LEU A 335 20.07 -35.52 -5.36
N CYS A 336 20.21 -34.28 -4.89
CA CYS A 336 19.16 -33.64 -4.13
C CYS A 336 18.03 -33.18 -5.04
N PRO A 337 16.82 -33.01 -4.49
CA PRO A 337 15.66 -32.62 -5.30
C PRO A 337 15.53 -31.12 -5.51
N PHE A 338 16.62 -30.48 -5.94
CA PHE A 338 16.55 -29.05 -6.22
C PHE A 338 15.59 -28.75 -7.35
N GLY A 339 15.46 -29.66 -8.31
CA GLY A 339 14.53 -29.42 -9.41
C GLY A 339 13.10 -29.28 -8.94
N GLU A 340 12.70 -30.09 -7.95
CA GLU A 340 11.33 -30.02 -7.45
C GLU A 340 11.01 -28.65 -6.86
N VAL A 341 11.94 -28.10 -6.08
CA VAL A 341 11.69 -26.83 -5.41
C VAL A 341 11.99 -25.62 -6.30
N PHE A 342 12.76 -25.79 -7.37
CA PHE A 342 13.07 -24.69 -8.27
C PHE A 342 12.08 -24.65 -9.44
N ASN A 343 11.99 -25.74 -10.20
CA ASN A 343 11.09 -25.83 -11.34
C ASN A 343 9.76 -26.40 -10.85
N ALA A 344 8.87 -25.50 -10.43
CA ALA A 344 7.55 -25.90 -9.97
C ALA A 344 6.50 -24.97 -10.56
N THR A 345 5.35 -25.54 -10.91
CA THR A 345 4.26 -24.73 -11.48
C THR A 345 3.46 -24.06 -10.37
N ARG A 346 2.84 -24.85 -9.50
CA ARG A 346 2.09 -24.33 -8.37
C ARG A 346 3.09 -23.90 -7.30
N PHE A 347 3.33 -22.59 -7.21
CA PHE A 347 4.40 -22.05 -6.37
C PHE A 347 3.77 -21.21 -5.28
N ALA A 348 4.17 -21.45 -4.04
CA ALA A 348 3.45 -20.91 -2.89
C ALA A 348 3.55 -19.39 -2.83
N SER A 349 2.64 -18.81 -2.05
CA SER A 349 2.61 -17.36 -1.82
C SER A 349 3.63 -17.01 -0.75
N VAL A 350 3.58 -15.78 -0.24
CA VAL A 350 4.56 -15.30 0.72
C VAL A 350 4.03 -15.42 2.15
N TYR A 351 2.77 -15.04 2.40
CA TYR A 351 2.26 -15.04 3.76
C TYR A 351 2.32 -16.43 4.38
N ALA A 352 2.31 -17.48 3.55
CA ALA A 352 2.60 -18.85 3.99
C ALA A 352 3.67 -19.39 3.04
N TRP A 353 4.93 -19.06 3.34
CA TRP A 353 6.02 -19.44 2.46
C TRP A 353 6.28 -20.94 2.55
N ASN A 354 6.50 -21.56 1.40
CA ASN A 354 6.71 -23.01 1.39
C ASN A 354 8.07 -23.34 1.98
N ARG A 355 8.14 -24.43 2.74
CA ARG A 355 9.37 -24.87 3.38
C ARG A 355 9.63 -26.32 3.03
N LYS A 356 10.82 -26.59 2.50
CA LYS A 356 11.24 -27.94 2.16
C LYS A 356 12.49 -28.30 2.94
N ARG A 357 12.52 -29.52 3.48
CA ARG A 357 13.65 -30.01 4.25
C ARG A 357 14.48 -30.92 3.34
N ILE A 358 15.76 -30.58 3.17
CA ILE A 358 16.66 -31.36 2.33
C ILE A 358 17.78 -31.92 3.19
N SER A 359 18.00 -33.22 3.06
CA SER A 359 19.02 -33.94 3.82
C SER A 359 19.19 -35.30 3.17
N ASN A 360 20.28 -35.98 3.54
CA ASN A 360 20.58 -37.35 3.11
C ASN A 360 20.88 -37.43 1.62
N CYS A 361 21.07 -36.31 0.94
CA CYS A 361 21.30 -36.29 -0.50
C CYS A 361 22.49 -35.40 -0.83
N VAL A 362 23.17 -35.74 -1.92
CA VAL A 362 24.27 -34.91 -2.42
C VAL A 362 23.68 -33.75 -3.19
N ALA A 363 24.16 -32.54 -2.88
CA ALA A 363 23.68 -31.31 -3.51
C ALA A 363 24.79 -30.72 -4.38
N ASP A 364 24.45 -30.42 -5.63
CA ASP A 364 25.38 -29.81 -6.57
C ASP A 364 25.07 -28.33 -6.66
N TYR A 365 25.83 -27.52 -5.92
CA TYR A 365 25.66 -26.08 -5.96
C TYR A 365 26.35 -25.43 -7.14
N SER A 366 27.40 -26.07 -7.69
CA SER A 366 28.09 -25.50 -8.83
C SER A 366 27.17 -25.39 -10.04
N VAL A 367 26.35 -26.42 -10.28
CA VAL A 367 25.50 -26.41 -11.47
C VAL A 367 24.51 -25.26 -11.41
N LEU A 368 23.91 -25.02 -10.23
CA LEU A 368 22.95 -23.93 -10.11
C LEU A 368 23.63 -22.56 -10.06
N TYR A 369 24.86 -22.49 -9.55
CA TYR A 369 25.54 -21.20 -9.50
C TYR A 369 26.02 -20.77 -10.88
N ASN A 370 26.54 -21.72 -11.68
CA ASN A 370 27.07 -21.35 -12.99
C ASN A 370 25.99 -20.76 -13.87
N SER A 371 24.80 -21.34 -13.86
CA SER A 371 23.70 -20.82 -14.68
C SER A 371 23.42 -19.37 -14.31
N ALA A 372 23.28 -18.52 -15.33
CA ALA A 372 23.05 -17.10 -15.14
C ALA A 372 21.58 -16.73 -15.14
N SER A 373 20.68 -17.71 -15.21
CA SER A 373 19.25 -17.40 -15.22
C SER A 373 18.81 -16.70 -13.94
N PHE A 374 19.55 -16.85 -12.85
CA PHE A 374 19.14 -16.26 -11.58
C PHE A 374 19.52 -14.79 -11.54
N SER A 375 18.53 -13.94 -11.30
CA SER A 375 18.77 -12.49 -11.32
C SER A 375 19.73 -12.08 -10.22
N THR A 376 19.45 -12.46 -8.97
CA THR A 376 20.27 -12.08 -7.84
C THR A 376 20.60 -13.32 -7.02
N PHE A 377 21.90 -13.54 -6.78
CA PHE A 377 22.39 -14.71 -6.07
C PHE A 377 23.37 -14.23 -4.99
N LYS A 378 22.84 -13.87 -3.84
CA LYS A 378 23.65 -13.46 -2.69
C LYS A 378 23.83 -14.63 -1.74
N CYS A 379 24.95 -14.64 -1.03
CA CYS A 379 25.23 -15.67 -0.02
C CYS A 379 25.88 -15.00 1.18
N TYR A 380 25.10 -14.85 2.26
CA TYR A 380 25.59 -14.27 3.50
C TYR A 380 26.16 -15.41 4.34
N GLY A 381 27.48 -15.51 4.37
CA GLY A 381 28.15 -16.60 5.05
C GLY A 381 29.37 -17.05 4.30
N VAL A 382 29.44 -18.33 3.94
CA VAL A 382 30.56 -18.84 3.16
C VAL A 382 30.40 -18.41 1.71
N SER A 383 31.53 -18.32 1.01
CA SER A 383 31.50 -17.92 -0.38
C SER A 383 30.77 -18.97 -1.22
N PRO A 384 29.93 -18.56 -2.18
CA PRO A 384 29.18 -19.55 -2.95
C PRO A 384 30.06 -20.54 -3.70
N THR A 385 31.18 -20.07 -4.26
CA THR A 385 31.99 -20.94 -5.10
C THR A 385 32.55 -22.12 -4.32
N LYS A 386 32.71 -21.97 -3.01
CA LYS A 386 33.22 -23.03 -2.15
C LYS A 386 32.11 -23.79 -1.43
N LEU A 387 30.85 -23.57 -1.82
CA LEU A 387 29.75 -24.22 -1.13
C LEU A 387 29.88 -25.74 -1.18
N ASN A 388 30.27 -26.27 -2.34
CA ASN A 388 30.41 -27.71 -2.48
C ASN A 388 31.51 -28.28 -1.60
N ASP A 389 32.38 -27.44 -1.04
CA ASP A 389 33.43 -27.88 -0.14
C ASP A 389 32.98 -27.95 1.32
N LEU A 390 31.72 -27.65 1.59
CA LEU A 390 31.18 -27.66 2.95
C LEU A 390 30.16 -28.77 3.11
N CYS A 391 30.12 -29.32 4.32
CA CYS A 391 29.20 -30.41 4.66
C CYS A 391 28.30 -29.98 5.81
N PHE A 392 27.02 -30.34 5.71
CA PHE A 392 26.04 -29.98 6.73
C PHE A 392 25.18 -31.21 7.03
N THR A 393 24.29 -31.05 8.02
CA THR A 393 23.38 -32.12 8.40
C THR A 393 21.95 -31.88 7.96
N ASN A 394 21.57 -30.63 7.69
CA ASN A 394 20.23 -30.29 7.23
C ASN A 394 20.30 -28.96 6.50
N VAL A 395 19.48 -28.82 5.46
CA VAL A 395 19.31 -27.52 4.80
C VAL A 395 17.82 -27.31 4.57
N TYR A 396 17.39 -26.06 4.73
CA TYR A 396 16.01 -25.68 4.56
C TYR A 396 15.88 -24.79 3.33
N ALA A 397 14.99 -25.18 2.42
CA ALA A 397 14.69 -24.39 1.24
C ALA A 397 13.35 -23.72 1.47
N ASP A 398 13.39 -22.45 1.87
CA ASP A 398 12.20 -21.63 1.87
C ASP A 398 11.96 -21.12 0.47
N SER A 399 10.70 -20.92 0.11
CA SER A 399 10.39 -20.47 -1.25
C SER A 399 9.09 -19.66 -1.22
N PHE A 400 9.07 -18.59 -2.00
CA PHE A 400 7.87 -17.78 -2.13
C PHE A 400 8.06 -16.80 -3.29
N VAL A 401 7.09 -15.90 -3.46
CA VAL A 401 7.06 -14.93 -4.55
C VAL A 401 6.87 -13.54 -3.97
N ILE A 402 7.59 -12.56 -4.52
CA ILE A 402 7.50 -11.18 -4.04
C ILE A 402 7.65 -10.22 -5.21
N ARG A 403 7.28 -8.97 -4.97
CA ARG A 403 7.45 -7.93 -5.98
C ARG A 403 8.92 -7.77 -6.30
N GLY A 404 9.23 -7.56 -7.58
CA GLY A 404 10.61 -7.43 -7.99
C GLY A 404 11.31 -6.27 -7.29
N ASP A 405 10.59 -5.18 -7.08
CA ASP A 405 11.20 -4.02 -6.43
C ASP A 405 11.76 -4.39 -5.06
N GLU A 406 10.93 -5.00 -4.21
CA GLU A 406 11.34 -5.30 -2.84
C GLU A 406 11.89 -6.72 -2.69
N VAL A 407 12.88 -7.06 -3.53
CA VAL A 407 13.63 -8.29 -3.34
C VAL A 407 14.80 -8.09 -2.38
N ARG A 408 15.27 -6.85 -2.22
CA ARG A 408 16.38 -6.59 -1.30
C ARG A 408 15.99 -6.87 0.14
N GLN A 409 14.69 -6.78 0.46
CA GLN A 409 14.26 -6.94 1.83
C GLN A 409 14.55 -8.33 2.38
N ILE A 410 14.82 -9.30 1.52
CA ILE A 410 15.16 -10.64 1.97
C ILE A 410 16.65 -10.67 2.29
N ALA A 411 17.01 -10.26 3.49
CA ALA A 411 18.40 -10.25 3.93
C ALA A 411 18.45 -9.80 5.40
N PRO A 412 19.49 -10.18 6.14
CA PRO A 412 19.54 -9.80 7.56
C PRO A 412 19.52 -8.29 7.74
N GLY A 413 18.83 -7.85 8.77
CA GLY A 413 18.81 -6.44 9.15
C GLY A 413 17.75 -5.59 8.49
N GLN A 414 17.60 -5.70 7.18
CA GLN A 414 16.66 -4.84 6.47
C GLN A 414 15.25 -5.06 6.96
N THR A 415 14.47 -3.98 7.01
CA THR A 415 13.09 -4.01 7.45
C THR A 415 12.21 -3.31 6.42
N GLY A 416 10.93 -3.67 6.43
CA GLY A 416 9.99 -3.13 5.47
C GLY A 416 8.61 -3.76 5.60
N LYS A 417 8.04 -4.16 4.47
CA LYS A 417 6.73 -4.81 4.46
C LYS A 417 6.80 -6.30 4.20
N ILE A 418 7.97 -6.84 3.86
CA ILE A 418 8.16 -8.27 3.64
C ILE A 418 9.01 -8.90 4.73
N ALA A 419 10.07 -8.21 5.16
CA ALA A 419 10.95 -8.71 6.20
C ALA A 419 10.50 -8.27 7.59
N ASP A 420 9.36 -7.61 7.70
CA ASP A 420 8.83 -7.17 8.99
C ASP A 420 7.60 -7.95 9.42
N TYR A 421 6.69 -8.25 8.49
CA TYR A 421 5.45 -8.93 8.81
C TYR A 421 5.29 -10.28 8.13
N ASN A 422 6.12 -10.62 7.14
CA ASN A 422 5.91 -11.80 6.32
C ASN A 422 7.00 -12.85 6.48
N TYR A 423 8.25 -12.48 6.27
CA TYR A 423 9.35 -13.45 6.29
C TYR A 423 10.62 -12.69 6.64
N LYS A 424 11.05 -12.80 7.88
CA LYS A 424 12.21 -12.09 8.39
C LYS A 424 13.33 -13.08 8.69
N LEU A 425 14.51 -12.82 8.12
CA LEU A 425 15.66 -13.64 8.44
C LEU A 425 16.28 -13.18 9.76
N PRO A 426 16.98 -14.07 10.46
CA PRO A 426 17.67 -13.65 11.68
C PRO A 426 18.84 -12.73 11.37
N ASP A 427 19.22 -11.94 12.38
CA ASP A 427 20.32 -11.00 12.18
C ASP A 427 21.59 -11.72 11.73
N ASP A 428 21.91 -12.83 12.38
CA ASP A 428 22.97 -13.72 11.91
C ASP A 428 22.38 -14.74 10.95
N PHE A 429 23.07 -14.97 9.83
CA PHE A 429 22.55 -15.84 8.79
C PHE A 429 23.69 -16.65 8.20
N THR A 430 23.32 -17.76 7.55
CA THR A 430 24.31 -18.65 6.94
C THR A 430 23.94 -19.12 5.54
N GLY A 431 22.73 -18.84 5.06
CA GLY A 431 22.26 -19.38 3.79
C GLY A 431 22.39 -18.40 2.62
N CYS A 432 22.06 -18.90 1.45
CA CYS A 432 22.02 -18.11 0.23
C CYS A 432 20.58 -17.71 -0.08
N VAL A 433 20.43 -16.64 -0.85
CA VAL A 433 19.12 -16.07 -1.18
C VAL A 433 19.08 -15.92 -2.71
N ILE A 434 18.60 -16.94 -3.40
CA ILE A 434 18.40 -16.87 -4.84
C ILE A 434 17.11 -16.14 -5.11
N ALA A 435 17.09 -15.28 -6.12
CA ALA A 435 15.86 -14.61 -6.54
C ALA A 435 15.92 -14.37 -8.03
N TRP A 436 14.91 -14.86 -8.76
CA TRP A 436 14.93 -14.78 -10.21
C TRP A 436 13.57 -14.33 -10.72
N ASN A 437 13.60 -13.58 -11.83
CA ASN A 437 12.38 -13.06 -12.43
C ASN A 437 11.55 -14.20 -13.01
N SER A 438 10.22 -14.08 -12.86
CA SER A 438 9.28 -15.06 -13.37
C SER A 438 8.07 -14.36 -13.99
N ASN A 439 8.31 -13.25 -14.68
CA ASN A 439 7.20 -12.50 -15.26
C ASN A 439 6.45 -13.32 -16.30
N ASN A 440 7.18 -14.02 -17.17
CA ASN A 440 6.54 -14.78 -18.23
C ASN A 440 5.70 -15.91 -17.68
N LEU A 441 6.19 -16.60 -16.64
CA LEU A 441 5.50 -17.78 -16.12
C LEU A 441 4.30 -17.41 -15.26
N ASP A 442 4.18 -16.16 -14.82
CA ASP A 442 3.08 -15.73 -13.98
C ASP A 442 2.43 -14.47 -14.57
N SER A 443 1.53 -13.85 -13.81
CA SER A 443 0.91 -12.58 -14.19
C SER A 443 0.15 -12.72 -15.52
N LYS A 444 -0.91 -13.52 -15.46
CA LYS A 444 -1.75 -13.74 -16.61
C LYS A 444 -2.31 -12.41 -17.13
N VAL A 445 -2.90 -12.46 -18.32
CA VAL A 445 -3.34 -11.24 -19.00
C VAL A 445 -4.33 -10.48 -18.13
N GLY A 446 -5.26 -11.17 -17.51
CA GLY A 446 -6.25 -10.56 -16.65
C GLY A 446 -5.83 -10.39 -15.21
N GLY A 447 -4.59 -10.71 -14.88
CA GLY A 447 -4.12 -10.67 -13.52
C GLY A 447 -4.03 -12.05 -12.91
N ASN A 448 -3.12 -12.21 -11.95
CA ASN A 448 -2.92 -13.50 -11.29
C ASN A 448 -3.77 -13.62 -10.03
N TYR A 449 -3.58 -12.70 -9.09
CA TYR A 449 -4.38 -12.66 -7.87
C TYR A 449 -4.22 -13.92 -7.02
N ASN A 450 -3.30 -14.80 -7.42
CA ASN A 450 -3.04 -16.03 -6.67
C ASN A 450 -1.98 -15.84 -5.61
N TYR A 451 -1.37 -14.65 -5.51
CA TYR A 451 -0.33 -14.37 -4.54
C TYR A 451 -0.81 -13.25 -3.62
N LEU A 452 -0.85 -13.53 -2.33
CA LEU A 452 -1.28 -12.57 -1.32
C LEU A 452 -0.15 -12.38 -0.31
N TYR A 453 -0.01 -11.17 0.21
CA TYR A 453 1.00 -10.87 1.21
C TYR A 453 0.33 -10.28 2.45
N ARG A 454 0.90 -10.60 3.61
CA ARG A 454 0.33 -10.16 4.87
C ARG A 454 0.57 -8.67 5.08
N LEU A 455 -0.26 -8.07 5.91
CA LEU A 455 -0.14 -6.65 6.22
C LEU A 455 -0.80 -6.39 7.56
N PHE A 456 -0.33 -5.35 8.25
CA PHE A 456 -0.88 -4.94 9.53
C PHE A 456 -0.77 -6.07 10.56
N ARG A 457 0.46 -6.46 10.84
CA ARG A 457 0.70 -7.44 11.90
C ARG A 457 0.70 -6.75 13.26
N LYS A 458 0.25 -7.49 14.27
CA LYS A 458 0.16 -6.91 15.61
C LYS A 458 1.53 -6.49 16.12
N SER A 459 2.55 -7.33 15.91
CA SER A 459 3.90 -7.03 16.36
C SER A 459 4.89 -7.53 15.33
N ASN A 460 6.10 -6.96 15.38
CA ASN A 460 7.14 -7.36 14.45
C ASN A 460 7.40 -8.86 14.58
N LEU A 461 7.59 -9.52 13.44
CA LEU A 461 7.67 -10.97 13.40
C LEU A 461 9.07 -11.44 13.77
N LYS A 462 9.14 -12.44 14.64
CA LYS A 462 10.41 -13.04 15.00
C LYS A 462 10.94 -13.89 13.85
N PRO A 463 12.23 -14.18 13.83
CA PRO A 463 12.82 -14.87 12.69
C PRO A 463 12.13 -16.21 12.42
N PHE A 464 12.01 -16.54 11.13
CA PHE A 464 11.53 -17.83 10.68
C PHE A 464 10.21 -18.21 11.35
N GLU A 465 9.20 -17.39 11.10
CA GLU A 465 7.84 -17.68 11.55
C GLU A 465 6.85 -17.41 10.43
N ARG A 466 5.90 -18.32 10.25
CA ARG A 466 4.80 -18.14 9.32
C ARG A 466 3.50 -18.05 10.10
N ASP A 467 2.61 -17.16 9.67
CA ASP A 467 1.35 -16.91 10.34
C ASP A 467 0.19 -16.98 9.34
N ILE A 468 -0.31 -18.19 9.12
CA ILE A 468 -1.43 -18.39 8.20
C ILE A 468 -2.71 -17.74 8.69
N SER A 469 -2.75 -17.33 9.96
CA SER A 469 -3.98 -16.80 10.55
C SER A 469 -4.50 -15.64 9.72
N THR A 470 -5.81 -15.67 9.43
CA THR A 470 -6.48 -14.63 8.68
C THR A 470 -7.42 -13.80 9.56
N GLU A 471 -7.26 -13.91 10.88
CA GLU A 471 -8.14 -13.19 11.79
C GLU A 471 -8.10 -11.69 11.52
N ILE A 472 -9.28 -11.07 11.53
CA ILE A 472 -9.38 -9.65 11.25
C ILE A 472 -8.55 -8.87 12.27
N TYR A 473 -7.72 -7.95 11.77
CA TYR A 473 -6.88 -7.16 12.65
C TYR A 473 -7.72 -6.12 13.39
N GLN A 474 -7.13 -5.56 14.45
CA GLN A 474 -7.79 -4.54 15.24
C GLN A 474 -6.74 -3.59 15.81
N ALA A 475 -7.21 -2.42 16.22
CA ALA A 475 -6.38 -1.45 16.91
C ALA A 475 -7.28 -0.64 17.84
N GLY A 476 -6.74 0.42 18.42
CA GLY A 476 -7.53 1.22 19.35
C GLY A 476 -8.01 0.37 20.51
N SER A 477 -9.31 0.47 20.80
CA SER A 477 -9.90 -0.23 21.93
C SER A 477 -11.10 -1.09 21.56
N THR A 478 -11.94 -0.63 20.63
CA THR A 478 -13.16 -1.35 20.32
C THR A 478 -12.82 -2.64 19.55
N PRO A 479 -13.34 -3.80 19.99
CA PRO A 479 -13.13 -5.02 19.20
C PRO A 479 -14.24 -5.26 18.19
N CYS A 480 -13.86 -5.54 16.94
CA CYS A 480 -14.83 -5.87 15.91
C CYS A 480 -15.26 -7.33 16.04
N ASN A 481 -16.57 -7.57 15.95
CA ASN A 481 -17.12 -8.92 16.07
C ASN A 481 -17.10 -9.58 14.68
N GLY A 482 -15.90 -9.86 14.21
CA GLY A 482 -15.73 -10.50 12.92
C GLY A 482 -16.19 -9.65 11.75
N VAL A 483 -16.28 -8.34 11.92
CA VAL A 483 -16.72 -7.44 10.87
C VAL A 483 -15.52 -6.62 10.41
N GLU A 484 -15.73 -5.83 9.36
CA GLU A 484 -14.69 -5.01 8.76
C GLU A 484 -15.11 -3.55 8.75
N GLY A 485 -14.14 -2.67 8.95
CA GLY A 485 -14.40 -1.24 8.96
C GLY A 485 -13.21 -0.50 9.53
N PHE A 486 -13.47 0.75 9.89
CA PHE A 486 -12.43 1.56 10.52
C PHE A 486 -11.91 0.85 11.76
N ASN A 487 -10.59 0.80 11.90
CA ASN A 487 -9.90 0.17 13.01
C ASN A 487 -9.94 -1.35 12.94
N CYS A 488 -10.45 -1.93 11.87
CA CYS A 488 -10.49 -3.38 11.70
C CYS A 488 -10.24 -3.69 10.23
N TYR A 489 -9.08 -4.29 9.94
CA TYR A 489 -8.61 -4.46 8.57
C TYR A 489 -8.51 -5.94 8.24
N PHE A 490 -8.47 -6.22 6.93
CA PHE A 490 -8.18 -7.57 6.44
C PHE A 490 -6.68 -7.68 6.22
N PRO A 491 -5.96 -8.55 6.94
CA PRO A 491 -4.50 -8.47 6.92
C PRO A 491 -3.86 -8.95 5.61
N LEU A 492 -4.57 -9.68 4.77
CA LEU A 492 -4.00 -10.22 3.54
C LEU A 492 -4.40 -9.36 2.36
N GLN A 493 -3.42 -8.91 1.59
CA GLN A 493 -3.66 -8.07 0.42
C GLN A 493 -3.07 -8.74 -0.81
N SER A 494 -3.82 -8.73 -1.91
CA SER A 494 -3.40 -9.39 -3.13
C SER A 494 -2.47 -8.50 -3.94
N TYR A 495 -1.64 -9.13 -4.75
CA TYR A 495 -0.76 -8.43 -5.67
C TYR A 495 -1.52 -8.07 -6.95
N GLY A 496 -0.99 -7.10 -7.68
CA GLY A 496 -1.58 -6.68 -8.94
C GLY A 496 -0.76 -7.09 -10.14
N PHE A 497 -0.24 -8.31 -10.11
CA PHE A 497 0.65 -8.77 -11.16
C PHE A 497 -0.05 -8.71 -12.52
N GLN A 498 0.63 -8.14 -13.50
CA GLN A 498 0.15 -8.04 -14.86
C GLN A 498 1.30 -8.37 -15.80
N PRO A 499 1.02 -8.81 -17.03
CA PRO A 499 2.12 -9.13 -17.95
C PRO A 499 3.02 -7.95 -18.24
N THR A 500 2.51 -6.73 -18.18
CA THR A 500 3.28 -5.52 -18.44
C THR A 500 3.18 -4.60 -17.24
N ASN A 501 4.21 -4.60 -16.39
CA ASN A 501 4.27 -3.71 -15.24
C ASN A 501 5.61 -3.04 -15.04
N GLY A 502 6.65 -3.42 -15.79
CA GLY A 502 7.98 -2.91 -15.56
C GLY A 502 8.77 -3.79 -14.62
N VAL A 503 10.10 -3.65 -14.69
CA VAL A 503 10.98 -4.47 -13.86
C VAL A 503 10.72 -4.24 -12.38
N GLY A 504 10.05 -3.16 -12.02
CA GLY A 504 9.78 -2.88 -10.63
C GLY A 504 8.72 -3.77 -10.02
N TYR A 505 7.48 -3.65 -10.49
CA TYR A 505 6.35 -4.40 -9.93
C TYR A 505 6.09 -5.69 -10.69
N GLN A 506 7.13 -6.50 -10.86
CA GLN A 506 6.98 -7.79 -11.54
C GLN A 506 7.23 -8.92 -10.56
N PRO A 507 6.62 -10.09 -10.79
CA PRO A 507 6.85 -11.21 -9.87
C PRO A 507 8.30 -11.63 -9.87
N TYR A 508 8.79 -12.03 -8.70
CA TYR A 508 10.11 -12.59 -8.54
C TYR A 508 10.01 -13.79 -7.60
N ARG A 509 10.50 -14.93 -8.05
CA ARG A 509 10.51 -16.14 -7.24
C ARG A 509 11.80 -16.18 -6.44
N VAL A 510 11.67 -16.29 -5.13
CA VAL A 510 12.82 -16.25 -4.22
C VAL A 510 12.89 -17.57 -3.46
N VAL A 511 14.09 -18.14 -3.42
CA VAL A 511 14.38 -19.38 -2.72
C VAL A 511 15.53 -19.12 -1.77
N VAL A 512 15.34 -19.41 -0.48
CA VAL A 512 16.33 -19.19 0.55
C VAL A 512 16.84 -20.55 1.02
N LEU A 513 18.13 -20.79 0.82
CA LEU A 513 18.77 -22.04 1.22
C LEU A 513 19.54 -21.77 2.51
N SER A 514 18.94 -22.13 3.64
CA SER A 514 19.54 -21.89 4.95
C SER A 514 20.10 -23.21 5.48
N PHE A 515 21.41 -23.24 5.70
CA PHE A 515 22.05 -24.44 6.23
C PHE A 515 21.91 -24.51 7.74
N GLU A 516 22.14 -25.70 8.28
CA GLU A 516 22.16 -25.85 9.73
C GLU A 516 23.15 -26.96 10.10
N LEU A 517 24.11 -26.63 10.96
CA LEU A 517 25.10 -27.63 11.38
C LEU A 517 24.53 -28.51 12.48
N LEU A 518 23.82 -27.92 13.45
CA LEU A 518 23.24 -28.67 14.56
C LEU A 518 24.32 -29.52 15.20
N HIS A 519 24.05 -30.80 15.45
CA HIS A 519 25.03 -31.69 16.10
C HIS A 519 25.14 -33.06 15.44
N ALA A 520 24.12 -33.52 14.72
CA ALA A 520 24.18 -34.84 14.11
C ALA A 520 25.20 -34.85 12.97
N PRO A 521 25.70 -36.02 12.60
CA PRO A 521 26.69 -36.08 11.52
C PRO A 521 26.15 -35.49 10.23
N ALA A 522 27.02 -34.80 9.51
CA ALA A 522 26.62 -34.12 8.28
C ALA A 522 26.17 -35.14 7.23
N THR A 523 25.13 -34.77 6.49
CA THR A 523 24.61 -35.59 5.40
C THR A 523 24.78 -34.94 4.04
N VAL A 524 24.28 -33.72 3.87
CA VAL A 524 24.42 -33.03 2.59
C VAL A 524 25.87 -32.62 2.39
N CYS A 525 26.44 -32.98 1.24
CA CYS A 525 27.82 -32.66 0.91
C CYS A 525 27.93 -32.47 -0.59
N GLY A 526 29.11 -32.04 -1.03
CA GLY A 526 29.37 -31.85 -2.44
C GLY A 526 29.93 -33.10 -3.08
N PRO A 527 29.99 -33.11 -4.41
CA PRO A 527 30.55 -34.28 -5.11
C PRO A 527 31.99 -34.54 -4.70
N LYS A 528 32.31 -35.82 -4.57
CA LYS A 528 33.65 -36.23 -4.17
C LYS A 528 34.59 -36.22 -5.37
N VAL B 26 -17.95 15.20 15.64
CA VAL B 26 -16.91 15.43 14.64
C VAL B 26 -17.22 16.68 13.83
N GLN B 27 -16.90 17.84 14.39
CA GLN B 27 -17.12 19.12 13.73
C GLN B 27 -15.77 19.77 13.43
N LEU B 28 -15.58 20.17 12.18
CA LEU B 28 -14.35 20.79 11.72
C LEU B 28 -14.66 22.15 11.14
N VAL B 29 -13.87 23.16 11.51
CA VAL B 29 -14.04 24.51 11.00
C VAL B 29 -12.67 25.04 10.59
N GLU B 30 -12.66 26.05 9.74
CA GLU B 30 -11.42 26.67 9.30
C GLU B 30 -11.55 28.18 9.32
N SER B 31 -10.42 28.86 9.47
CA SER B 31 -10.35 30.31 9.44
C SER B 31 -9.03 30.74 8.81
N GLY B 32 -9.04 31.94 8.24
CA GLY B 32 -7.88 32.48 7.55
C GLY B 32 -8.10 32.57 6.05
N GLY B 33 -7.02 32.55 5.29
CA GLY B 33 -7.13 32.52 3.84
C GLY B 33 -7.80 33.73 3.23
N GLY B 34 -7.46 34.93 3.71
CA GLY B 34 -8.00 36.14 3.13
C GLY B 34 -7.36 36.47 1.80
N VAL B 35 -7.91 37.50 1.15
CA VAL B 35 -7.40 37.96 -0.13
C VAL B 35 -5.98 38.47 0.06
N VAL B 36 -5.01 37.76 -0.51
CA VAL B 36 -3.60 38.10 -0.36
C VAL B 36 -2.94 38.10 -1.73
N GLN B 37 -2.12 39.11 -2.00
CA GLN B 37 -1.43 39.22 -3.27
C GLN B 37 -0.26 38.26 -3.35
N PRO B 38 0.24 37.98 -4.55
CA PRO B 38 1.30 36.98 -4.70
C PRO B 38 2.55 37.37 -3.92
N GLY B 39 3.27 36.34 -3.46
CA GLY B 39 4.54 36.52 -2.79
C GLY B 39 4.46 36.71 -1.29
N LYS B 40 3.26 36.83 -0.73
CA LYS B 40 3.09 37.06 0.69
C LYS B 40 2.94 35.72 1.40
N SER B 41 2.68 35.75 2.71
CA SER B 41 2.53 34.56 3.53
C SER B 41 1.15 34.53 4.16
N LEU B 42 0.62 33.32 4.32
CA LEU B 42 -0.71 33.11 4.88
C LEU B 42 -0.69 31.98 5.89
N ARG B 43 -1.61 32.06 6.87
CA ARG B 43 -1.78 31.04 7.88
C ARG B 43 -3.25 30.65 7.92
N LEU B 44 -3.50 29.34 7.84
CA LEU B 44 -4.84 28.78 7.90
C LEU B 44 -4.96 27.93 9.17
N SER B 45 -6.01 28.17 9.95
CA SER B 45 -6.22 27.48 11.21
C SER B 45 -7.48 26.62 11.12
N CYS B 46 -7.33 25.32 11.32
CA CYS B 46 -8.45 24.38 11.37
C CYS B 46 -8.66 23.94 12.80
N ALA B 47 -9.90 24.07 13.28
CA ALA B 47 -10.30 23.67 14.62
C ALA B 47 -11.21 22.45 14.55
N ALA B 48 -10.99 21.51 15.46
CA ALA B 48 -11.72 20.25 15.46
C ALA B 48 -12.37 20.03 16.82
N SER B 49 -13.51 19.33 16.81
CA SER B 49 -14.22 19.02 18.04
C SER B 49 -14.99 17.72 17.83
N GLY B 50 -15.35 17.09 18.95
CA GLY B 50 -16.17 15.89 18.94
C GLY B 50 -15.40 14.60 18.99
N PHE B 51 -14.07 14.63 19.03
CA PHE B 51 -13.27 13.42 19.08
C PHE B 51 -11.90 13.75 19.66
N THR B 52 -11.06 12.73 19.77
CA THR B 52 -9.70 12.90 20.27
C THR B 52 -8.81 13.37 19.13
N PHE B 53 -8.35 14.62 19.21
CA PHE B 53 -7.57 15.19 18.12
C PHE B 53 -6.16 14.64 18.06
N SER B 54 -5.67 14.04 19.14
CA SER B 54 -4.30 13.53 19.19
C SER B 54 -4.17 12.11 18.67
N SER B 55 -5.27 11.45 18.33
CA SER B 55 -5.26 10.06 17.90
C SER B 55 -5.47 9.91 16.40
N TYR B 56 -5.40 11.00 15.64
CA TYR B 56 -5.67 10.97 14.21
C TYR B 56 -4.61 11.77 13.45
N ALA B 57 -4.38 11.39 12.20
CA ALA B 57 -3.45 12.07 11.32
C ALA B 57 -4.21 13.05 10.43
N MET B 58 -3.74 14.28 10.36
CA MET B 58 -4.46 15.35 9.68
C MET B 58 -4.03 15.46 8.22
N HIS B 59 -4.99 15.83 7.37
CA HIS B 59 -4.76 16.00 5.95
C HIS B 59 -5.14 17.41 5.54
N TRP B 60 -4.37 17.99 4.62
CA TRP B 60 -4.71 19.25 3.99
C TRP B 60 -4.80 19.02 2.50
N VAL B 61 -5.89 19.50 1.89
CA VAL B 61 -6.12 19.38 0.45
C VAL B 61 -6.67 20.70 -0.07
N ARG B 62 -6.77 20.80 -1.40
CA ARG B 62 -7.28 22.02 -2.02
C ARG B 62 -8.14 21.66 -3.21
N LEU B 63 -9.10 22.53 -3.50
CA LEU B 63 -10.01 22.41 -4.64
C LEU B 63 -9.85 23.66 -5.48
N ALA B 64 -9.25 23.53 -6.66
CA ALA B 64 -9.03 24.69 -7.51
C ALA B 64 -10.16 24.82 -8.53
N PRO B 65 -10.49 26.04 -8.95
CA PRO B 65 -11.58 26.20 -9.92
C PRO B 65 -11.24 25.54 -11.24
N GLY B 66 -12.18 24.72 -11.74
CA GLY B 66 -11.98 24.03 -12.99
C GLY B 66 -11.01 22.87 -12.94
N LYS B 67 -10.61 22.44 -11.75
CA LYS B 67 -9.67 21.34 -11.59
C LYS B 67 -10.17 20.41 -10.49
N GLY B 68 -9.77 19.15 -10.56
CA GLY B 68 -10.15 18.19 -9.55
C GLY B 68 -9.43 18.43 -8.24
N LEU B 69 -9.93 17.77 -7.20
CA LEU B 69 -9.32 17.90 -5.88
C LEU B 69 -7.86 17.51 -5.95
N GLU B 70 -7.02 18.27 -5.25
CA GLU B 70 -5.58 18.01 -5.21
C GLU B 70 -5.12 17.95 -3.76
N TRP B 71 -4.42 16.87 -3.41
CA TRP B 71 -3.86 16.76 -2.08
C TRP B 71 -2.75 17.79 -1.87
N VAL B 72 -2.64 18.27 -0.64
CA VAL B 72 -1.62 19.26 -0.28
C VAL B 72 -0.56 18.66 0.65
N ALA B 73 -0.98 18.15 1.80
CA ALA B 73 0.00 17.66 2.77
C ALA B 73 -0.66 16.73 3.78
N VAL B 74 0.19 15.97 4.47
CA VAL B 74 -0.23 15.07 5.54
C VAL B 74 0.68 15.31 6.73
N ILE B 75 0.09 15.43 7.92
CA ILE B 75 0.85 15.58 9.16
C ILE B 75 0.39 14.52 10.16
N SER B 76 1.35 13.81 10.74
CA SER B 76 1.05 12.79 11.72
C SER B 76 0.62 13.43 13.04
N PRO B 77 -0.13 12.68 13.86
CA PRO B 77 -0.51 13.25 15.17
C PRO B 77 0.68 13.62 16.03
N ASP B 78 1.76 12.85 15.97
CA ASP B 78 2.95 13.17 16.75
C ASP B 78 3.72 14.33 16.13
N GLY B 79 3.58 14.53 14.82
CA GLY B 79 4.30 15.57 14.13
C GLY B 79 5.71 15.19 13.72
N LYS B 80 6.18 13.99 14.07
CA LYS B 80 7.52 13.57 13.67
C LYS B 80 7.57 13.25 12.18
N ASN B 81 6.52 12.61 11.66
CA ASN B 81 6.48 12.19 10.26
C ASN B 81 5.39 12.98 9.53
N LYS B 82 5.77 13.59 8.41
CA LYS B 82 4.84 14.35 7.59
C LYS B 82 5.33 14.34 6.16
N TYR B 83 4.42 14.64 5.24
CA TYR B 83 4.75 14.65 3.82
C TYR B 83 4.00 15.78 3.12
N TYR B 84 4.57 16.24 2.01
CA TYR B 84 4.01 17.31 1.21
C TYR B 84 3.89 16.85 -0.24
N VAL B 85 2.97 17.50 -0.97
CA VAL B 85 2.87 17.24 -2.40
C VAL B 85 4.04 17.90 -3.12
N ASP B 86 4.32 17.42 -4.32
CA ASP B 86 5.48 17.90 -5.07
C ASP B 86 5.37 19.39 -5.35
N SER B 87 4.20 19.86 -5.76
CA SER B 87 4.04 21.26 -6.11
C SER B 87 4.35 22.16 -4.93
N VAL B 88 3.80 21.84 -3.77
CA VAL B 88 4.05 22.60 -2.54
C VAL B 88 5.07 21.80 -1.75
N LYS B 89 6.35 22.10 -1.98
CA LYS B 89 7.45 21.40 -1.32
C LYS B 89 8.55 22.40 -1.04
N GLY B 90 8.92 22.55 0.23
CA GLY B 90 9.94 23.50 0.62
C GLY B 90 9.47 24.93 0.70
N ARG B 91 8.17 25.18 0.55
CA ARG B 91 7.62 26.52 0.65
C ARG B 91 6.38 26.55 1.54
N SER B 92 6.22 25.56 2.41
CA SER B 92 5.06 25.49 3.28
C SER B 92 5.43 24.74 4.55
N THR B 93 4.57 24.86 5.56
CA THR B 93 4.78 24.21 6.84
C THR B 93 3.43 23.74 7.38
N ILE B 94 3.44 22.56 8.00
CA ILE B 94 2.26 21.99 8.64
C ILE B 94 2.59 21.78 10.11
N SER B 95 1.70 22.23 11.00
CA SER B 95 1.92 22.05 12.42
C SER B 95 0.58 21.79 13.10
N ARG B 96 0.64 21.18 14.28
CA ARG B 96 -0.56 20.82 15.01
C ARG B 96 -0.35 21.07 16.50
N ASP B 97 -1.36 21.62 17.15
CA ASP B 97 -1.34 21.89 18.59
C ASP B 97 -2.45 21.06 19.24
N ASN B 98 -2.05 20.02 19.96
CA ASN B 98 -3.02 19.15 20.61
C ASN B 98 -3.69 19.86 21.79
N SER B 99 -2.92 20.65 22.55
CA SER B 99 -3.49 21.31 23.71
C SER B 99 -4.61 22.26 23.33
N LYS B 100 -4.45 23.01 22.24
CA LYS B 100 -5.49 23.90 21.74
C LYS B 100 -6.34 23.25 20.66
N ASN B 101 -6.07 22.01 20.30
CA ASN B 101 -6.81 21.30 19.26
C ASN B 101 -6.93 22.16 18.00
N THR B 102 -5.77 22.49 17.44
CA THR B 102 -5.72 23.35 16.26
C THR B 102 -4.70 22.80 15.27
N LEU B 103 -4.91 23.16 14.01
CA LEU B 103 -4.07 22.70 12.91
C LEU B 103 -3.67 23.91 12.08
N TYR B 104 -2.38 24.22 12.05
CA TYR B 104 -1.86 25.40 11.36
C TYR B 104 -1.20 24.99 10.05
N LEU B 105 -1.59 25.66 8.97
CA LEU B 105 -0.93 25.55 7.68
C LEU B 105 -0.32 26.91 7.34
N LEU B 106 0.98 26.94 7.10
CA LEU B 106 1.69 28.16 6.74
C LEU B 106 2.14 28.06 5.29
N MET B 107 1.70 29.01 4.47
CA MET B 107 2.11 29.10 3.08
C MET B 107 2.93 30.36 2.88
N ASN B 108 4.01 30.24 2.10
CA ASN B 108 4.85 31.37 1.77
C ASN B 108 5.21 31.31 0.29
N SER B 109 5.41 32.48 -0.31
CA SER B 109 5.76 32.59 -1.72
C SER B 109 4.72 31.90 -2.60
N LEU B 110 3.50 32.42 -2.53
CA LEU B 110 2.41 31.85 -3.30
C LEU B 110 2.52 32.24 -4.78
N ARG B 111 1.64 31.65 -5.58
CA ARG B 111 1.60 31.91 -7.01
C ARG B 111 0.14 31.93 -7.45
N ALA B 112 -0.08 32.16 -8.75
CA ALA B 112 -1.43 32.32 -9.27
C ALA B 112 -2.26 31.05 -9.07
N GLU B 113 -1.68 29.89 -9.39
CA GLU B 113 -2.45 28.65 -9.34
C GLU B 113 -2.83 28.23 -7.92
N ASP B 114 -2.13 28.74 -6.91
CA ASP B 114 -2.43 28.34 -5.54
C ASP B 114 -3.84 28.73 -5.11
N THR B 115 -4.47 29.67 -5.82
CA THR B 115 -5.82 30.08 -5.48
C THR B 115 -6.76 28.88 -5.53
N ALA B 116 -7.45 28.62 -4.44
CA ALA B 116 -8.32 27.45 -4.34
C ALA B 116 -8.99 27.45 -2.97
N VAL B 117 -9.99 26.60 -2.82
CA VAL B 117 -10.65 26.40 -1.53
C VAL B 117 -9.88 25.30 -0.80
N TYR B 118 -9.23 25.66 0.29
CA TYR B 118 -8.42 24.72 1.04
C TYR B 118 -9.25 24.07 2.14
N TYR B 119 -9.02 22.78 2.36
CA TYR B 119 -9.81 21.94 3.24
C TYR B 119 -8.90 21.16 4.18
N CYS B 120 -9.34 21.05 5.43
CA CYS B 120 -8.69 20.25 6.46
C CYS B 120 -9.53 19.03 6.72
N ALA B 121 -8.91 17.85 6.70
CA ALA B 121 -9.61 16.58 6.80
C ALA B 121 -9.03 15.74 7.93
N THR B 122 -9.90 15.02 8.62
CA THR B 122 -9.55 14.21 9.79
C THR B 122 -9.73 12.74 9.43
N THR B 123 -8.68 11.94 9.61
CA THR B 123 -8.80 10.51 9.41
C THR B 123 -9.61 9.89 10.53
N GLN B 124 -10.37 8.85 10.21
CA GLN B 124 -11.15 8.13 11.20
C GLN B 124 -10.39 6.96 11.81
N SER B 125 -9.52 6.31 11.04
CA SER B 125 -8.77 5.17 11.55
C SER B 125 -7.76 5.64 12.59
N LEU B 126 -7.73 4.96 13.73
CA LEU B 126 -6.82 5.33 14.80
C LEU B 126 -5.38 5.09 14.38
N TRP B 127 -4.51 6.05 14.71
CA TRP B 127 -3.09 5.88 14.41
C TRP B 127 -2.53 4.69 15.16
N PHE B 128 -1.92 3.76 14.42
CA PHE B 128 -1.27 2.62 15.06
C PHE B 128 0.04 2.24 14.36
N GLY B 129 0.64 3.16 13.63
CA GLY B 129 1.88 2.86 12.93
C GLY B 129 2.15 3.92 11.87
N GLN B 130 3.06 3.57 10.96
CA GLN B 130 3.49 4.45 9.88
C GLN B 130 3.21 3.74 8.56
N PHE B 131 1.99 3.90 8.05
CA PHE B 131 1.59 3.31 6.78
C PHE B 131 1.21 4.35 5.75
N TYR B 132 0.32 5.28 6.08
CA TYR B 132 -0.05 6.44 5.29
C TYR B 132 -0.84 6.10 4.03
N TYR B 133 -1.17 4.83 3.79
CA TYR B 133 -2.08 4.48 2.71
C TYR B 133 -3.43 3.99 3.20
N ILE B 134 -3.50 3.46 4.43
CA ILE B 134 -4.78 3.11 5.04
C ILE B 134 -5.45 4.32 5.68
N TYR B 135 -4.73 5.43 5.82
CA TYR B 135 -5.25 6.60 6.52
C TYR B 135 -6.13 7.38 5.56
N GLY B 136 -7.43 7.37 5.79
CA GLY B 136 -8.38 7.90 4.83
C GLY B 136 -8.66 9.37 4.99
N MET B 137 -9.01 10.00 3.87
CA MET B 137 -9.45 11.40 3.86
C MET B 137 -10.94 11.44 4.22
N ASP B 138 -11.19 11.15 5.49
CA ASP B 138 -12.55 10.96 5.99
C ASP B 138 -13.24 12.29 6.18
N VAL B 139 -14.35 12.30 6.92
CA VAL B 139 -15.29 13.42 6.94
C VAL B 139 -14.56 14.75 6.92
N TRP B 140 -15.06 15.67 6.10
CA TRP B 140 -14.31 16.85 5.65
C TRP B 140 -14.60 18.05 6.55
N GLY B 141 -13.80 19.09 6.36
CA GLY B 141 -14.01 20.36 7.02
C GLY B 141 -14.76 21.34 6.13
N GLN B 142 -15.10 22.49 6.71
CA GLN B 142 -15.84 23.49 5.96
C GLN B 142 -14.99 24.09 4.85
N GLY B 143 -13.71 24.32 5.11
CA GLY B 143 -12.79 24.81 4.09
C GLY B 143 -12.97 26.29 3.80
N THR B 144 -11.89 26.97 3.43
CA THR B 144 -11.94 28.40 3.17
C THR B 144 -11.22 28.72 1.86
N THR B 145 -11.72 29.75 1.18
CA THR B 145 -11.13 30.15 -0.10
C THR B 145 -9.84 30.92 0.12
N VAL B 146 -8.93 30.81 -0.85
CA VAL B 146 -7.70 31.57 -0.88
C VAL B 146 -7.50 32.08 -2.30
N THR B 147 -7.25 33.38 -2.44
CA THR B 147 -7.04 34.01 -3.73
C THR B 147 -5.68 34.69 -3.74
N VAL B 148 -4.88 34.40 -4.76
CA VAL B 148 -3.55 34.97 -4.87
C VAL B 148 -3.54 36.06 -5.93
N SER C 26 -2.61 15.29 -11.87
CA SER C 26 -3.48 14.15 -11.59
C SER C 26 -3.07 12.94 -12.42
N VAL C 27 -2.26 12.06 -11.82
CA VAL C 27 -1.81 10.86 -12.53
C VAL C 27 -3.01 10.00 -12.91
N LEU C 28 -4.01 9.93 -12.03
CA LEU C 28 -5.20 9.15 -12.33
C LEU C 28 -5.95 9.76 -13.51
N THR C 29 -6.65 8.90 -14.25
CA THR C 29 -7.47 9.31 -15.37
C THR C 29 -8.89 8.80 -15.19
N GLN C 30 -9.86 9.64 -15.50
CA GLN C 30 -11.27 9.31 -15.35
C GLN C 30 -12.01 9.85 -16.57
N PRO C 31 -13.17 9.28 -16.88
CA PRO C 31 -14.00 9.85 -17.95
C PRO C 31 -14.36 11.29 -17.64
N PRO C 32 -14.40 12.16 -18.65
CA PRO C 32 -14.71 13.57 -18.37
C PRO C 32 -16.06 13.77 -17.73
N SER C 33 -17.06 12.95 -18.10
CA SER C 33 -18.40 13.08 -17.53
C SER C 33 -19.18 11.84 -17.92
N ALA C 34 -20.33 11.66 -17.26
CA ALA C 34 -21.22 10.55 -17.55
C ALA C 34 -22.63 10.94 -17.13
N SER C 35 -23.61 10.20 -17.63
CA SER C 35 -25.00 10.47 -17.33
C SER C 35 -25.82 9.22 -17.66
N GLY C 36 -27.13 9.34 -17.46
CA GLY C 36 -28.02 8.24 -17.78
C GLY C 36 -29.39 8.47 -17.20
N THR C 37 -30.28 7.52 -17.50
CA THR C 37 -31.63 7.56 -16.99
C THR C 37 -31.62 7.29 -15.47
N PRO C 38 -32.68 7.66 -14.76
CA PRO C 38 -32.72 7.35 -13.32
C PRO C 38 -32.99 5.88 -13.00
N GLY C 39 -31.94 5.06 -12.96
CA GLY C 39 -32.08 3.72 -12.43
C GLY C 39 -31.63 2.55 -13.27
N GLN C 40 -30.64 2.75 -14.16
CA GLN C 40 -30.09 1.63 -14.94
C GLN C 40 -28.71 1.21 -14.44
N ARG C 41 -28.43 1.40 -13.16
CA ARG C 41 -27.20 0.91 -12.53
C ARG C 41 -25.97 1.49 -13.23
N VAL C 42 -25.82 2.81 -13.10
CA VAL C 42 -24.73 3.51 -13.75
C VAL C 42 -23.40 3.09 -13.13
N THR C 43 -22.33 3.18 -13.93
CA THR C 43 -21.00 2.78 -13.51
C THR C 43 -20.00 3.85 -13.87
N ILE C 44 -18.97 4.00 -13.04
CA ILE C 44 -17.89 4.96 -13.23
C ILE C 44 -16.57 4.25 -13.00
N SER C 45 -15.65 4.37 -13.96
CA SER C 45 -14.38 3.66 -13.92
C SER C 45 -13.24 4.65 -13.67
N CYS C 46 -12.35 4.28 -12.76
CA CYS C 46 -11.17 5.07 -12.41
C CYS C 46 -9.94 4.29 -12.81
N SER C 47 -9.09 4.90 -13.64
CA SER C 47 -7.91 4.26 -14.19
C SER C 47 -6.65 4.90 -13.64
N GLY C 48 -5.64 4.08 -13.38
CA GLY C 48 -4.39 4.56 -12.85
C GLY C 48 -3.29 3.53 -13.05
N SER C 49 -2.06 3.99 -12.80
CA SER C 49 -0.90 3.14 -12.97
C SER C 49 -0.85 2.09 -11.87
N SER C 50 0.19 1.26 -11.90
CA SER C 50 0.37 0.20 -10.92
C SER C 50 1.03 0.68 -9.64
N SER C 51 1.47 1.94 -9.58
CA SER C 51 2.07 2.51 -8.38
C SER C 51 1.13 3.43 -7.63
N ASN C 52 -0.11 3.60 -8.11
CA ASN C 52 -1.09 4.44 -7.44
C ASN C 52 -2.29 3.67 -6.94
N ILE C 53 -2.96 2.93 -7.81
CA ILE C 53 -4.19 2.23 -7.45
C ILE C 53 -3.97 0.73 -7.27
N GLY C 54 -2.82 0.21 -7.67
CA GLY C 54 -2.45 -1.16 -7.41
C GLY C 54 -1.52 -1.23 -6.22
N SER C 55 -1.59 -2.33 -5.47
CA SER C 55 -0.81 -2.53 -4.26
C SER C 55 -1.16 -1.48 -3.19
N ASN C 56 -2.30 -0.83 -3.33
CA ASN C 56 -2.78 0.15 -2.36
C ASN C 56 -4.30 0.14 -2.39
N PHE C 57 -4.91 1.15 -1.80
CA PHE C 57 -6.37 1.28 -1.76
C PHE C 57 -6.78 2.62 -2.35
N VAL C 58 -7.95 2.63 -2.98
CA VAL C 58 -8.52 3.85 -3.56
C VAL C 58 -9.88 4.10 -2.95
N TYR C 59 -10.09 5.32 -2.48
CA TYR C 59 -11.31 5.73 -1.81
C TYR C 59 -12.10 6.65 -2.74
N TRP C 60 -13.41 6.51 -2.75
CA TRP C 60 -14.28 7.32 -3.61
C TRP C 60 -15.11 8.26 -2.76
N TYR C 61 -15.02 9.55 -3.08
CA TYR C 61 -15.78 10.60 -2.42
C TYR C 61 -16.67 11.30 -3.43
N GLN C 62 -17.69 12.00 -2.94
CA GLN C 62 -18.56 12.80 -3.78
C GLN C 62 -18.53 14.25 -3.32
N HIS C 63 -18.58 15.16 -4.29
CA HIS C 63 -18.55 16.60 -4.05
C HIS C 63 -19.82 17.19 -4.64
N PHE C 64 -20.70 17.68 -3.78
CA PHE C 64 -21.90 18.37 -4.23
C PHE C 64 -21.54 19.79 -4.67
N PRO C 65 -22.35 20.41 -5.55
CA PRO C 65 -22.07 21.79 -5.95
C PRO C 65 -22.15 22.76 -4.79
N GLY C 66 -21.02 23.37 -4.42
CA GLY C 66 -21.02 24.32 -3.34
C GLY C 66 -21.17 23.73 -1.95
N ALA C 67 -20.82 22.47 -1.76
CA ALA C 67 -20.91 21.82 -0.46
C ALA C 67 -19.64 21.01 -0.23
N ALA C 68 -19.38 20.72 1.04
CA ALA C 68 -18.17 20.00 1.40
C ALA C 68 -18.23 18.57 0.86
N PRO C 69 -17.11 18.02 0.40
CA PRO C 69 -17.11 16.62 -0.04
C PRO C 69 -17.38 15.67 1.12
N LYS C 70 -17.85 14.47 0.77
CA LYS C 70 -18.16 13.44 1.74
C LYS C 70 -17.61 12.11 1.25
N LEU C 71 -17.33 11.22 2.20
CA LEU C 71 -16.81 9.91 1.86
C LEU C 71 -17.95 8.96 1.51
N LEU C 72 -17.79 8.25 0.40
CA LEU C 72 -18.76 7.24 -0.04
C LEU C 72 -18.23 5.82 0.13
N ILE C 73 -17.06 5.53 -0.44
CA ILE C 73 -16.49 4.19 -0.37
C ILE C 73 -15.05 4.31 0.13
N TYR C 74 -14.68 3.47 1.09
CA TYR C 74 -13.31 3.36 1.54
C TYR C 74 -12.90 1.90 1.59
N ARG C 75 -11.63 1.64 1.31
CA ARG C 75 -11.07 0.30 1.25
C ARG C 75 -11.62 -0.51 0.08
N ASN C 76 -12.26 0.16 -0.87
CA ASN C 76 -12.75 -0.38 -2.14
C ASN C 76 -14.01 -1.21 -1.98
N THR C 77 -14.45 -1.54 -0.76
CA THR C 77 -15.71 -2.25 -0.57
C THR C 77 -16.53 -1.74 0.59
N LEU C 78 -15.94 -1.08 1.59
CA LEU C 78 -16.67 -0.71 2.79
C LEU C 78 -17.48 0.56 2.55
N ARG C 79 -18.24 0.98 3.56
CA ARG C 79 -19.10 2.13 3.47
C ARG C 79 -19.26 2.71 4.86
N PRO C 80 -19.37 4.03 5.00
CA PRO C 80 -19.55 4.62 6.32
C PRO C 80 -21.02 4.73 6.71
N SER C 81 -21.25 4.99 7.99
CA SER C 81 -22.61 5.10 8.51
C SER C 81 -23.34 6.26 7.83
N GLY C 82 -24.64 6.06 7.62
CA GLY C 82 -25.48 7.08 7.02
C GLY C 82 -25.46 7.12 5.51
N VAL C 83 -24.75 6.21 4.87
CA VAL C 83 -24.67 6.14 3.41
C VAL C 83 -25.52 4.95 2.96
N PRO C 84 -26.45 5.14 2.02
CA PRO C 84 -27.33 4.01 1.63
C PRO C 84 -26.57 2.87 1.00
N ASP C 85 -27.28 1.79 0.68
CA ASP C 85 -26.67 0.59 0.11
C ASP C 85 -26.51 0.66 -1.40
N ARG C 86 -26.99 1.72 -2.05
CA ARG C 86 -26.93 1.79 -3.50
C ARG C 86 -25.48 1.81 -3.99
N PHE C 87 -24.63 2.59 -3.34
CA PHE C 87 -23.25 2.73 -3.80
C PHE C 87 -22.47 1.45 -3.55
N SER C 88 -21.72 1.00 -4.56
CA SER C 88 -20.84 -0.15 -4.42
C SER C 88 -19.55 0.14 -5.19
N GLY C 89 -18.47 -0.54 -4.78
CA GLY C 89 -17.19 -0.34 -5.41
C GLY C 89 -16.42 -1.64 -5.50
N SER C 90 -15.48 -1.68 -6.44
CA SER C 90 -14.67 -2.86 -6.65
C SER C 90 -13.37 -2.46 -7.34
N LYS C 91 -12.39 -3.37 -7.28
CA LYS C 91 -11.11 -3.19 -7.94
C LYS C 91 -10.82 -4.41 -8.79
N SER C 92 -10.27 -4.18 -9.99
CA SER C 92 -9.98 -5.24 -10.94
C SER C 92 -8.54 -5.17 -11.45
N GLY C 93 -7.64 -4.60 -10.64
CA GLY C 93 -6.24 -4.53 -11.00
C GLY C 93 -5.86 -3.26 -11.71
N THR C 94 -5.05 -2.42 -11.06
CA THR C 94 -4.59 -1.16 -11.63
C THR C 94 -5.76 -0.29 -12.08
N SER C 95 -6.94 -0.53 -11.55
CA SER C 95 -8.14 0.22 -11.95
C SER C 95 -9.27 -0.19 -11.02
N ALA C 96 -10.18 0.75 -10.79
CA ALA C 96 -11.32 0.53 -9.90
C ALA C 96 -12.60 0.95 -10.61
N SER C 97 -13.73 0.52 -10.04
CA SER C 97 -15.03 0.84 -10.59
C SER C 97 -16.01 1.05 -9.45
N LEU C 98 -17.01 1.90 -9.71
CA LEU C 98 -18.08 2.17 -8.78
C LEU C 98 -19.41 2.04 -9.50
N ALA C 99 -20.39 1.49 -8.80
CA ALA C 99 -21.71 1.23 -9.35
C ALA C 99 -22.77 1.87 -8.46
N ILE C 100 -23.70 2.59 -9.08
CA ILE C 100 -24.85 3.17 -8.39
C ILE C 100 -26.10 2.60 -9.04
N SER C 101 -26.87 1.84 -8.27
CA SER C 101 -28.13 1.28 -8.72
C SER C 101 -29.28 2.07 -8.11
N GLY C 102 -30.38 2.15 -8.85
CA GLY C 102 -31.51 2.95 -8.40
C GLY C 102 -31.13 4.41 -8.31
N LEU C 103 -30.48 4.92 -9.36
CA LEU C 103 -30.07 6.32 -9.40
C LEU C 103 -31.27 7.23 -9.31
N ARG C 104 -31.18 8.24 -8.44
CA ARG C 104 -32.18 9.28 -8.31
C ARG C 104 -31.66 10.60 -8.88
N SER C 105 -32.60 11.51 -9.13
CA SER C 105 -32.24 12.79 -9.74
C SER C 105 -31.41 13.67 -8.80
N GLU C 106 -31.41 13.38 -7.51
CA GLU C 106 -30.68 14.17 -6.53
C GLU C 106 -29.31 13.58 -6.20
N ASP C 107 -28.67 12.95 -7.19
CA ASP C 107 -27.32 12.42 -7.04
C ASP C 107 -26.31 13.19 -7.89
N GLU C 108 -26.69 14.37 -8.39
CA GLU C 108 -25.75 15.17 -9.17
C GLU C 108 -24.60 15.63 -8.29
N ALA C 109 -23.38 15.25 -8.67
CA ALA C 109 -22.18 15.58 -7.91
C ALA C 109 -20.98 15.08 -8.70
N ASP C 110 -19.79 15.47 -8.24
CA ASP C 110 -18.54 15.04 -8.85
C ASP C 110 -17.94 13.93 -8.01
N TYR C 111 -17.66 12.79 -8.64
CA TYR C 111 -17.15 11.62 -7.95
C TYR C 111 -15.64 11.54 -8.16
N TYR C 112 -14.89 11.53 -7.07
CA TYR C 112 -13.43 11.55 -7.10
C TYR C 112 -12.89 10.26 -6.50
N CYS C 113 -11.94 9.65 -7.21
CA CYS C 113 -11.24 8.45 -6.75
C CYS C 113 -9.82 8.85 -6.38
N ALA C 114 -9.44 8.64 -5.13
CA ALA C 114 -8.15 9.07 -4.61
C ALA C 114 -7.41 7.86 -4.05
N ALA C 115 -6.14 7.71 -4.44
CA ALA C 115 -5.31 6.61 -4.00
C ALA C 115 -3.95 7.14 -3.57
N TRP C 116 -3.23 6.31 -2.81
CA TRP C 116 -1.92 6.68 -2.27
C TRP C 116 -0.83 6.17 -3.21
N ASP C 117 -0.10 7.09 -3.83
CA ASP C 117 1.06 6.71 -4.61
C ASP C 117 2.09 6.03 -3.70
N ASP C 118 2.80 5.06 -4.27
CA ASP C 118 3.76 4.30 -3.46
C ASP C 118 4.81 5.21 -2.85
N SER C 119 5.18 6.30 -3.52
CA SER C 119 6.29 7.10 -3.04
C SER C 119 5.86 8.10 -1.96
N LEU C 120 5.12 9.15 -2.35
CA LEU C 120 4.76 10.19 -1.39
C LEU C 120 3.39 10.82 -1.61
N PHE C 121 2.60 10.41 -2.60
CA PHE C 121 1.49 11.23 -3.08
C PHE C 121 0.15 10.65 -2.67
N TRP C 122 -0.87 11.50 -2.74
CA TRP C 122 -2.27 11.10 -2.67
C TRP C 122 -2.89 11.53 -4.00
N VAL C 123 -2.74 10.69 -5.02
CA VAL C 123 -3.18 11.06 -6.36
C VAL C 123 -4.70 11.10 -6.40
N PHE C 124 -5.24 12.18 -6.97
CA PHE C 124 -6.68 12.35 -7.13
C PHE C 124 -7.07 12.18 -8.59
N GLY C 125 -8.31 11.76 -8.80
CA GLY C 125 -8.82 11.61 -10.13
C GLY C 125 -9.26 12.92 -10.74
N GLY C 126 -9.34 12.94 -12.08
CA GLY C 126 -9.76 14.16 -12.75
C GLY C 126 -11.16 14.58 -12.36
N GLY C 127 -12.04 13.61 -12.14
CA GLY C 127 -13.41 13.87 -11.76
C GLY C 127 -14.40 13.15 -12.66
N THR C 128 -15.67 13.24 -12.26
CA THR C 128 -16.74 12.60 -13.03
C THR C 128 -18.01 13.42 -12.78
N LYS C 129 -18.35 14.26 -13.75
CA LYS C 129 -19.55 15.10 -13.65
C LYS C 129 -20.76 14.27 -14.05
N LEU C 130 -21.56 13.87 -13.06
CA LEU C 130 -22.72 13.03 -13.30
C LEU C 130 -23.96 13.88 -13.51
N THR C 131 -24.78 13.47 -14.47
CA THR C 131 -26.02 14.18 -14.78
C THR C 131 -27.13 13.16 -14.99
N VAL C 132 -28.36 13.60 -14.75
CA VAL C 132 -29.53 12.73 -14.90
C VAL C 132 -30.43 13.24 -16.01
C1 NAG D . 14.64 -26.14 -14.74
C2 NAG D . 15.98 -26.87 -14.53
C3 NAG D . 17.05 -26.27 -15.43
C4 NAG D . 16.59 -26.24 -16.88
C5 NAG D . 15.22 -25.55 -16.98
C6 NAG D . 14.64 -25.60 -18.37
C7 NAG D . 17.32 -27.61 -12.62
C8 NAG D . 17.63 -27.41 -11.16
N2 NAG D . 16.39 -26.80 -13.14
O3 NAG D . 18.24 -27.04 -15.32
O4 NAG D . 17.52 -25.52 -17.68
O5 NAG D . 14.28 -26.20 -16.12
O6 NAG D . 14.27 -26.93 -18.73
O7 NAG D . 17.89 -28.45 -13.30
H2 NAG D . 15.86 -27.80 -14.78
H3 NAG D . 17.24 -25.35 -15.14
H4 NAG D . 16.50 -27.16 -17.20
H5 NAG D . 15.32 -24.62 -16.71
H61 NAG D . 15.29 -25.27 -19.01
H62 NAG D . 13.85 -25.03 -18.40
H81 NAG D . 18.29 -28.06 -10.87
H82 NAG D . 16.81 -27.53 -10.64
H83 NAG D . 17.97 -26.50 -11.03
HN2 NAG D . 15.99 -26.19 -12.59
HO3 NAG D . 18.91 -26.51 -15.06
HO6 NAG D . 14.99 -27.44 -18.75
C1 NAG D . 17.99 -26.29 -18.80
C2 NAG D . 19.06 -27.26 -18.33
C3 NAG D . 19.57 -28.12 -19.49
C4 NAG D . 18.39 -28.81 -20.17
C5 NAG D . 17.34 -27.79 -20.58
C6 NAG D . 16.09 -28.43 -21.17
C7 NAG D . 21.04 -27.12 -16.88
C8 NAG D . 22.12 -26.23 -16.33
N2 NAG D . 20.17 -26.55 -17.71
O3 NAG D . 20.49 -29.08 -19.00
O4 NAG D . 18.85 -29.51 -21.32
O5 NAG D . 16.91 -27.03 -19.44
O6 NAG D . 14.94 -28.08 -20.42
O7 NAG D . 20.95 -28.30 -16.56
H2 NAG D . 18.67 -27.86 -17.66
H3 NAG D . 20.01 -27.54 -20.13
H4 NAG D . 17.99 -29.45 -19.55
H5 NAG D . 17.72 -27.19 -21.24
H61 NAG D . 16.20 -29.39 -21.16
H62 NAG D . 15.99 -28.12 -22.08
H81 NAG D . 22.70 -26.75 -15.74
H82 NAG D . 21.71 -25.49 -15.84
H83 NAG D . 22.65 -25.89 -17.07
HN2 NAG D . 20.27 -25.66 -17.91
HO3 NAG D . 21.03 -29.32 -19.66
HO4 NAG D . 18.46 -30.31 -21.37
HO6 NAG D . 14.25 -28.55 -20.72
#